data_5CPR
#
_entry.id   5CPR
#
_cell.length_a   42.209
_cell.length_b   47.913
_cell.length_c   129.072
_cell.angle_alpha   90.00
_cell.angle_beta   90.00
_cell.angle_gamma   90.00
#
_symmetry.space_group_name_H-M   'P 21 21 21'
#
loop_
_entity.id
_entity.type
_entity.pdbx_description
1 polymer 'Histone-lysine N-methyltransferase SUV420H1'
2 non-polymer 'ZINC ION'
3 non-polymer S-ADENOSYLMETHIONINE
4 non-polymer 6,7-dichloro-N-cyclopentyl-4-(pyridin-4-yl)phthalazin-1-amine
5 water water
#
_entity_poly.entity_id   1
_entity_poly.type   'polypeptide(L)'
_entity_poly.pdbx_seq_one_letter_code
;GSSGMSAKELCENDDLATSLVLDPYLGFQTHKMNTSAFPSRSSRHFSKSDSFSHNNPVRFRPIKGRQEELKEVIERFKKD
EHLEKAFKCLTSGEWARHYFLNKNKMQEKLFKEHVFIYLRMFATDSGFEILPCNRYSSEQNGAKIVATKEWKRNDKIELL
VGCIAELSEIEENMLLRHGENDFSVMYSTRKNCAQLWLGPAAFINHDCRPNCKFVSTGRDTACVKALRDIEPGEEISCYY
GDGFFGENNEFCECYTCERRGTGAFKSR
;
_entity_poly.pdbx_strand_id   B
#
loop_
_chem_comp.id
_chem_comp.type
_chem_comp.name
_chem_comp.formula
539 non-polymer 6,7-dichloro-N-cyclopentyl-4-(pyridin-4-yl)phthalazin-1-amine 'C18 H16 Cl2 N4'
SAM non-polymer S-ADENOSYLMETHIONINE 'C15 H22 N6 O5 S'
ZN non-polymer 'ZINC ION' 'Zn 2'
#
# COMPACT_ATOMS: atom_id res chain seq x y z
N MET A 5 -3.40 -1.57 -17.00
CA MET A 5 -2.98 -2.60 -16.04
C MET A 5 -4.07 -3.64 -15.74
N SER A 6 -3.77 -4.92 -16.08
CA SER A 6 -4.65 -6.04 -15.75
C SER A 6 -4.37 -6.37 -14.28
N ALA A 7 -5.14 -7.31 -13.69
CA ALA A 7 -4.94 -7.77 -12.32
C ALA A 7 -3.52 -8.34 -12.16
N LYS A 8 -3.10 -9.19 -13.12
CA LYS A 8 -1.79 -9.84 -13.17
C LYS A 8 -0.67 -8.79 -13.22
N GLU A 9 -0.83 -7.75 -14.07
CA GLU A 9 0.15 -6.69 -14.23
C GLU A 9 0.30 -5.88 -12.95
N LEU A 10 -0.82 -5.62 -12.23
CA LEU A 10 -0.79 -4.88 -10.96
C LEU A 10 0.01 -5.65 -9.91
N CYS A 11 -0.22 -6.96 -9.77
CA CYS A 11 0.51 -7.79 -8.82
C CYS A 11 2.03 -7.75 -9.05
N GLU A 12 2.47 -7.91 -10.31
CA GLU A 12 3.87 -7.86 -10.72
C GLU A 12 4.48 -6.51 -10.45
N ASN A 13 3.86 -5.43 -10.94
CA ASN A 13 4.37 -4.07 -10.75
C ASN A 13 4.45 -3.67 -9.30
N ASP A 14 3.49 -4.11 -8.49
CA ASP A 14 3.50 -3.78 -7.06
C ASP A 14 4.60 -4.55 -6.39
N ASP A 15 4.67 -5.88 -6.62
CA ASP A 15 5.73 -6.75 -6.08
C ASP A 15 7.12 -6.21 -6.39
N LEU A 16 7.39 -5.89 -7.66
CA LEU A 16 8.64 -5.31 -8.12
C LEU A 16 8.90 -3.95 -7.48
N ALA A 17 7.89 -3.02 -7.53
CA ALA A 17 8.01 -1.67 -6.95
C ALA A 17 8.37 -1.71 -5.48
N THR A 18 7.65 -2.53 -4.66
CA THR A 18 7.92 -2.61 -3.24
C THR A 18 9.28 -3.27 -2.96
N SER A 19 9.64 -4.29 -3.75
CA SER A 19 10.92 -5.02 -3.68
C SER A 19 12.07 -4.04 -3.90
N LEU A 20 11.87 -3.07 -4.81
CA LEU A 20 12.85 -2.03 -5.13
C LEU A 20 12.86 -0.82 -4.16
N VAL A 21 11.69 -0.24 -3.85
CA VAL A 21 11.62 0.99 -3.07
C VAL A 21 11.41 0.78 -1.54
N LEU A 22 10.47 -0.09 -1.13
CA LEU A 22 10.19 -0.25 0.29
C LEU A 22 11.07 -1.25 1.03
N ASP A 23 11.14 -2.50 0.55
CA ASP A 23 11.89 -3.59 1.19
C ASP A 23 13.35 -3.22 1.53
N PRO A 24 14.19 -2.62 0.64
CA PRO A 24 15.55 -2.24 1.07
C PRO A 24 15.54 -1.21 2.19
N TYR A 25 14.73 -0.14 2.05
CA TYR A 25 14.61 0.93 3.05
C TYR A 25 14.18 0.39 4.41
N LEU A 26 13.20 -0.53 4.42
CA LEU A 26 12.69 -1.13 5.65
C LEU A 26 13.54 -2.26 6.22
N GLY A 27 14.30 -2.95 5.37
CA GLY A 27 15.14 -4.07 5.79
C GLY A 27 14.40 -5.39 5.91
N PHE A 28 13.19 -5.46 5.34
CA PHE A 28 12.38 -6.68 5.35
C PHE A 28 11.44 -6.66 4.15
N GLN A 29 10.91 -7.83 3.78
CA GLN A 29 10.01 -7.98 2.64
C GLN A 29 8.56 -7.66 3.06
N THR A 30 8.00 -6.56 2.55
CA THR A 30 6.62 -6.15 2.82
C THR A 30 5.69 -7.12 2.09
N HIS A 31 4.39 -6.91 2.23
CA HIS A 31 3.37 -7.72 1.60
C HIS A 31 3.59 -7.88 0.09
N LYS A 32 3.42 -9.11 -0.40
CA LYS A 32 3.58 -9.47 -1.81
C LYS A 32 2.39 -10.27 -2.25
N MET A 33 2.04 -10.18 -3.54
CA MET A 33 0.96 -10.96 -4.14
C MET A 33 1.49 -12.32 -4.62
N ASN A 34 2.80 -12.37 -4.98
CA ASN A 34 3.56 -13.55 -5.42
C ASN A 34 2.94 -14.26 -6.63
N ARG A 66 24.06 -4.96 -1.92
CA ARG A 66 22.99 -5.44 -2.80
C ARG A 66 21.68 -4.68 -2.50
N GLN A 67 21.15 -4.83 -1.27
CA GLN A 67 19.97 -4.12 -0.76
C GLN A 67 20.45 -2.78 -0.19
N GLU A 68 21.77 -2.70 0.12
CA GLU A 68 22.46 -1.52 0.61
C GLU A 68 22.56 -0.48 -0.51
N GLU A 69 22.80 -0.92 -1.76
CA GLU A 69 22.89 -0.04 -2.93
C GLU A 69 21.52 0.59 -3.21
N LEU A 70 20.43 -0.23 -3.19
CA LEU A 70 19.05 0.23 -3.39
C LEU A 70 18.60 1.21 -2.29
N LYS A 71 19.08 1.01 -1.03
CA LYS A 71 18.78 1.93 0.08
C LYS A 71 19.45 3.30 -0.15
N GLU A 72 20.67 3.30 -0.74
CA GLU A 72 21.43 4.51 -1.04
C GLU A 72 20.69 5.41 -2.05
N VAL A 73 20.00 4.80 -3.04
CA VAL A 73 19.22 5.49 -4.06
C VAL A 73 18.06 6.26 -3.41
N ILE A 74 17.27 5.57 -2.56
CA ILE A 74 16.11 6.14 -1.85
C ILE A 74 16.58 7.31 -0.99
N GLU A 75 17.73 7.14 -0.30
CA GLU A 75 18.37 8.13 0.56
C GLU A 75 18.90 9.30 -0.26
N ARG A 76 19.33 9.02 -1.50
CA ARG A 76 19.80 10.07 -2.41
C ARG A 76 18.60 10.86 -2.93
N PHE A 77 17.47 10.16 -3.29
CA PHE A 77 16.22 10.79 -3.73
C PHE A 77 15.65 11.69 -2.64
N LYS A 78 15.82 11.27 -1.35
CA LYS A 78 15.38 12.04 -0.17
C LYS A 78 16.01 13.44 -0.16
N LYS A 79 17.21 13.61 -0.76
CA LYS A 79 17.90 14.89 -0.87
C LYS A 79 17.68 15.52 -2.28
N ASP A 80 17.82 14.70 -3.34
CA ASP A 80 17.69 15.03 -4.78
C ASP A 80 16.31 15.48 -5.19
N GLU A 81 15.28 14.63 -4.91
CA GLU A 81 13.87 14.74 -5.31
C GLU A 81 13.71 14.49 -6.84
N HIS A 82 14.74 13.94 -7.45
CA HIS A 82 14.72 13.62 -8.84
C HIS A 82 14.20 12.20 -9.17
N LEU A 83 12.94 12.13 -9.63
CA LEU A 83 12.24 10.88 -9.90
C LEU A 83 12.88 10.03 -10.96
N GLU A 84 13.04 10.59 -12.19
CA GLU A 84 13.62 9.89 -13.34
C GLU A 84 15.02 9.32 -13.05
N LYS A 85 15.85 10.07 -12.32
CA LYS A 85 17.19 9.62 -11.89
C LYS A 85 17.06 8.42 -10.95
N ALA A 86 16.16 8.51 -9.94
CA ALA A 86 15.91 7.44 -8.97
C ALA A 86 15.50 6.16 -9.66
N PHE A 87 14.55 6.23 -10.63
CA PHE A 87 14.10 5.06 -11.41
C PHE A 87 15.24 4.45 -12.26
N LYS A 88 16.11 5.33 -12.85
CA LYS A 88 17.27 4.89 -13.65
C LYS A 88 18.22 4.09 -12.76
N CYS A 89 18.55 4.61 -11.56
CA CYS A 89 19.41 3.94 -10.59
C CYS A 89 18.82 2.64 -10.06
N LEU A 90 17.49 2.59 -9.79
CA LEU A 90 16.82 1.38 -9.26
C LEU A 90 16.86 0.21 -10.23
N THR A 91 16.61 0.49 -11.52
CA THR A 91 16.58 -0.49 -12.61
C THR A 91 17.92 -0.51 -13.39
N SER A 92 19.01 0.07 -12.81
CA SER A 92 20.32 0.13 -13.48
C SER A 92 20.96 -1.25 -13.66
N GLY A 93 20.73 -2.12 -12.66
CA GLY A 93 21.25 -3.48 -12.60
C GLY A 93 20.90 -4.39 -13.75
N GLU A 94 21.75 -5.42 -13.96
CA GLU A 94 21.68 -6.48 -14.97
C GLU A 94 20.31 -7.14 -15.11
N TRP A 95 19.65 -7.43 -13.96
CA TRP A 95 18.35 -8.09 -13.87
C TRP A 95 17.22 -7.41 -14.65
N ALA A 96 17.27 -6.06 -14.80
CA ALA A 96 16.26 -5.26 -15.50
C ALA A 96 16.07 -5.66 -16.97
N ARG A 97 17.17 -5.69 -17.75
CA ARG A 97 17.14 -6.08 -19.16
C ARG A 97 16.72 -7.55 -19.30
N HIS A 98 17.10 -8.39 -18.29
CA HIS A 98 16.77 -9.81 -18.19
C HIS A 98 15.31 -10.05 -17.77
N TYR A 99 14.59 -8.98 -17.35
CA TYR A 99 13.18 -9.05 -16.94
C TYR A 99 12.23 -8.36 -17.94
N PHE A 100 12.67 -7.27 -18.60
CA PHE A 100 11.85 -6.51 -19.54
C PHE A 100 12.04 -6.87 -21.02
N LEU A 101 12.95 -7.83 -21.32
CA LEU A 101 13.26 -8.32 -22.68
C LEU A 101 12.01 -8.73 -23.49
N ASN A 102 10.98 -9.21 -22.77
CA ASN A 102 9.67 -9.67 -23.27
C ASN A 102 8.55 -8.62 -23.08
N LYS A 103 8.83 -7.56 -22.28
CA LYS A 103 7.90 -6.48 -21.94
C LYS A 103 7.94 -5.32 -22.95
N ASN A 104 6.75 -4.89 -23.41
CA ASN A 104 6.60 -3.81 -24.39
C ASN A 104 6.72 -2.40 -23.76
N LYS A 105 6.64 -1.34 -24.60
CA LYS A 105 6.79 0.07 -24.20
C LYS A 105 5.73 0.53 -23.20
N MET A 106 4.45 0.19 -23.44
CA MET A 106 3.33 0.53 -22.58
C MET A 106 3.48 -0.13 -21.20
N GLN A 107 3.97 -1.38 -21.17
CA GLN A 107 4.21 -2.14 -19.95
C GLN A 107 5.32 -1.52 -19.11
N GLU A 108 6.33 -0.93 -19.77
CA GLU A 108 7.45 -0.26 -19.09
C GLU A 108 7.01 1.07 -18.50
N LYS A 109 6.08 1.77 -19.18
CA LYS A 109 5.51 3.03 -18.73
C LYS A 109 4.64 2.80 -17.46
N LEU A 110 3.70 1.84 -17.48
CA LEU A 110 2.81 1.52 -16.34
C LEU A 110 3.60 1.12 -15.11
N PHE A 111 4.69 0.36 -15.32
CA PHE A 111 5.61 -0.07 -14.28
C PHE A 111 6.40 1.11 -13.72
N LYS A 112 6.86 2.01 -14.61
CA LYS A 112 7.65 3.18 -14.20
C LYS A 112 6.77 4.08 -13.32
N GLU A 113 5.52 4.31 -13.75
CA GLU A 113 4.55 5.12 -13.04
C GLU A 113 4.18 4.49 -11.68
N HIS A 114 4.19 3.14 -11.58
CA HIS A 114 3.92 2.43 -10.33
C HIS A 114 5.09 2.53 -9.36
N VAL A 115 6.31 2.61 -9.88
CA VAL A 115 7.48 2.77 -9.04
C VAL A 115 7.49 4.22 -8.55
N PHE A 116 6.94 5.13 -9.38
CA PHE A 116 6.83 6.56 -9.11
C PHE A 116 5.89 6.87 -7.93
N ILE A 117 4.77 6.12 -7.80
CA ILE A 117 3.83 6.32 -6.68
C ILE A 117 4.52 5.93 -5.37
N TYR A 118 5.44 4.97 -5.41
CA TYR A 118 6.20 4.62 -4.22
C TYR A 118 7.31 5.63 -3.94
N LEU A 119 8.12 6.02 -4.96
CA LEU A 119 9.16 7.06 -4.81
C LEU A 119 8.61 8.36 -4.20
N ARG A 120 7.39 8.80 -4.60
CA ARG A 120 6.77 10.06 -4.12
C ARG A 120 6.45 10.08 -2.62
N MET A 121 6.35 8.90 -1.95
CA MET A 121 6.13 8.77 -0.50
C MET A 121 7.30 9.41 0.22
N PHE A 122 8.51 9.26 -0.37
CA PHE A 122 9.78 9.78 0.17
C PHE A 122 10.02 11.24 -0.19
N ALA A 123 9.09 11.89 -0.89
CA ALA A 123 9.20 13.32 -1.19
C ALA A 123 8.88 14.06 0.11
N THR A 124 9.70 15.06 0.42
CA THR A 124 9.65 15.92 1.60
C THR A 124 8.27 16.54 1.89
N ASP A 125 7.42 16.65 0.86
CA ASP A 125 6.08 17.22 0.98
C ASP A 125 4.97 16.16 1.19
N SER A 126 5.28 14.84 1.12
CA SER A 126 4.24 13.81 1.25
C SER A 126 3.41 13.87 2.55
N GLY A 127 4.06 14.20 3.65
CA GLY A 127 3.44 14.29 4.96
C GLY A 127 3.21 12.95 5.62
N PHE A 128 3.83 11.89 5.08
CA PHE A 128 3.68 10.57 5.65
C PHE A 128 4.90 9.73 5.41
N GLU A 129 5.01 8.61 6.13
CA GLU A 129 6.10 7.66 5.95
C GLU A 129 5.59 6.24 6.18
N ILE A 130 6.35 5.23 5.74
CA ILE A 130 6.03 3.84 5.98
C ILE A 130 6.89 3.37 7.16
N LEU A 131 6.33 2.53 8.04
CA LEU A 131 7.07 2.04 9.20
C LEU A 131 6.76 0.59 9.46
N PRO A 132 7.65 -0.18 10.12
CA PRO A 132 7.30 -1.57 10.42
C PRO A 132 6.19 -1.64 11.45
N CYS A 133 5.34 -2.64 11.36
CA CYS A 133 4.24 -2.82 12.31
C CYS A 133 4.18 -4.28 12.70
N ASN A 134 4.12 -4.58 14.00
CA ASN A 134 4.04 -5.96 14.52
CA ASN A 134 4.03 -5.96 14.47
C ASN A 134 2.77 -6.20 15.36
N ARG A 135 1.72 -5.37 15.21
CA ARG A 135 0.54 -5.55 16.03
C ARG A 135 -0.43 -6.64 15.59
N TYR A 136 -0.66 -6.80 14.28
CA TYR A 136 -1.70 -7.72 13.81
C TYR A 136 -1.20 -9.16 13.79
N SER A 137 -2.01 -10.03 14.41
CA SER A 137 -1.70 -11.44 14.57
C SER A 137 -1.70 -12.26 13.25
N SER A 138 -2.28 -11.70 12.17
CA SER A 138 -2.40 -12.40 10.89
C SER A 138 -1.22 -12.18 9.92
N GLU A 139 -0.28 -11.27 10.22
CA GLU A 139 0.89 -11.00 9.39
C GLU A 139 2.19 -10.98 10.23
N GLN A 140 3.35 -11.26 9.59
CA GLN A 140 4.67 -11.19 10.25
C GLN A 140 5.57 -10.16 9.51
N ASN A 141 5.14 -9.71 8.35
CA ASN A 141 5.91 -8.74 7.58
C ASN A 141 5.09 -7.45 7.45
N GLY A 142 4.35 -7.14 8.51
CA GLY A 142 3.45 -6.01 8.64
C GLY A 142 4.13 -4.67 8.57
N ALA A 143 3.39 -3.66 8.08
CA ALA A 143 3.88 -2.29 8.04
C ALA A 143 2.71 -1.33 8.27
N LYS A 144 2.97 -0.03 8.44
CA LYS A 144 1.91 0.95 8.68
C LYS A 144 2.25 2.31 8.09
N ILE A 145 1.25 3.17 7.93
CA ILE A 145 1.45 4.53 7.42
C ILE A 145 1.24 5.46 8.59
N VAL A 146 2.18 6.36 8.76
CA VAL A 146 2.21 7.34 9.85
C VAL A 146 2.38 8.76 9.28
N ALA A 147 1.71 9.76 9.87
CA ALA A 147 1.86 11.15 9.46
C ALA A 147 3.21 11.69 9.95
N THR A 148 3.84 12.52 9.13
CA THR A 148 5.13 13.17 9.44
C THR A 148 4.94 14.69 9.61
N LYS A 149 3.77 15.20 9.19
CA LYS A 149 3.38 16.60 9.34
C LYS A 149 1.95 16.69 9.87
N GLU A 150 1.50 17.91 10.25
CA GLU A 150 0.16 18.09 10.75
C GLU A 150 -0.79 18.15 9.56
N TRP A 151 -1.85 17.36 9.62
CA TRP A 151 -2.89 17.32 8.60
C TRP A 151 -4.14 17.86 9.24
N LYS A 152 -4.93 18.60 8.47
CA LYS A 152 -6.18 19.17 8.94
C LYS A 152 -7.38 18.43 8.37
N ARG A 153 -8.49 18.36 9.16
CA ARG A 153 -9.72 17.72 8.74
C ARG A 153 -10.07 18.27 7.39
N ASN A 154 -10.39 17.37 6.44
CA ASN A 154 -10.77 17.55 5.05
C ASN A 154 -9.59 17.68 4.10
N ASP A 155 -8.34 17.67 4.60
CA ASP A 155 -7.17 17.72 3.71
C ASP A 155 -7.10 16.42 2.93
N LYS A 156 -6.63 16.48 1.69
CA LYS A 156 -6.45 15.29 0.89
C LYS A 156 -4.99 14.93 0.95
N ILE A 157 -4.69 13.69 1.35
CA ILE A 157 -3.31 13.20 1.38
C ILE A 157 -3.09 12.61 -0.03
N GLU A 158 -2.85 13.53 -0.97
CA GLU A 158 -2.73 13.32 -2.41
C GLU A 158 -1.68 12.32 -2.85
N LEU A 159 -0.66 12.04 -2.05
CA LEU A 159 0.39 11.07 -2.45
C LEU A 159 0.17 9.70 -1.81
N LEU A 160 -0.85 9.58 -0.95
CA LEU A 160 -1.14 8.32 -0.27
C LEU A 160 -2.19 7.66 -1.10
N VAL A 161 -1.72 7.04 -2.22
CA VAL A 161 -2.53 6.52 -3.31
C VAL A 161 -2.62 4.99 -3.42
N GLY A 162 -3.70 4.55 -4.05
CA GLY A 162 -3.94 3.15 -4.33
C GLY A 162 -4.49 2.99 -5.72
N CYS A 163 -4.31 1.80 -6.29
CA CYS A 163 -4.78 1.40 -7.59
C CYS A 163 -5.69 0.20 -7.43
N ILE A 164 -6.79 0.18 -8.16
CA ILE A 164 -7.67 -0.98 -8.08
C ILE A 164 -7.63 -1.77 -9.37
N ALA A 165 -7.61 -3.10 -9.26
CA ALA A 165 -7.78 -4.02 -10.38
C ALA A 165 -8.95 -4.95 -10.02
N GLU A 166 -9.83 -5.20 -10.99
CA GLU A 166 -10.95 -6.11 -10.76
C GLU A 166 -10.51 -7.48 -11.25
N LEU A 167 -10.99 -8.52 -10.58
CA LEU A 167 -10.65 -9.86 -10.99
C LEU A 167 -11.85 -10.71 -11.04
N SER A 168 -12.14 -11.25 -12.25
CA SER A 168 -13.30 -12.11 -12.45
C SER A 168 -13.00 -13.47 -11.88
N GLU A 169 -13.98 -14.39 -11.91
CA GLU A 169 -13.88 -15.75 -11.36
C GLU A 169 -12.52 -16.45 -11.61
N ILE A 170 -12.10 -16.59 -12.85
CA ILE A 170 -10.85 -17.29 -13.21
C ILE A 170 -9.64 -16.60 -12.65
N GLU A 171 -9.61 -15.24 -12.75
CA GLU A 171 -8.45 -14.50 -12.25
C GLU A 171 -8.38 -14.64 -10.74
N GLU A 172 -9.52 -14.54 -10.06
CA GLU A 172 -9.58 -14.68 -8.61
C GLU A 172 -9.00 -16.04 -8.24
N ASN A 173 -9.53 -17.10 -8.83
CA ASN A 173 -9.12 -18.47 -8.56
C ASN A 173 -7.66 -18.76 -8.88
N MET A 174 -7.01 -17.98 -9.75
CA MET A 174 -5.60 -18.19 -10.12
C MET A 174 -4.60 -17.22 -9.52
N LEU A 175 -5.05 -16.04 -9.13
CA LEU A 175 -4.18 -15.03 -8.57
C LEU A 175 -4.27 -14.92 -7.07
N LEU A 176 -5.38 -15.41 -6.49
CA LEU A 176 -5.59 -15.26 -5.08
C LEU A 176 -5.55 -16.55 -4.33
N ARG A 177 -4.98 -16.48 -3.12
CA ARG A 177 -4.91 -17.57 -2.21
C ARG A 177 -5.51 -17.06 -0.91
N HIS A 178 -6.56 -17.74 -0.45
CA HIS A 178 -7.29 -17.46 0.78
C HIS A 178 -6.31 -17.49 1.97
N GLY A 179 -6.24 -16.36 2.68
CA GLY A 179 -5.39 -16.20 3.84
C GLY A 179 -3.96 -15.81 3.57
N GLU A 180 -3.56 -15.77 2.30
CA GLU A 180 -2.20 -15.49 1.90
C GLU A 180 -1.99 -14.13 1.26
N ASN A 181 -2.54 -13.88 0.05
CA ASN A 181 -2.31 -12.59 -0.61
C ASN A 181 -3.60 -11.79 -0.77
N ASP A 182 -4.57 -12.04 0.10
CA ASP A 182 -5.87 -11.38 0.08
C ASP A 182 -5.92 -10.31 1.21
N PHE A 183 -4.73 -9.82 1.62
CA PHE A 183 -4.58 -8.79 2.64
C PHE A 183 -5.24 -7.45 2.24
N SER A 184 -5.44 -7.19 0.92
CA SER A 184 -6.04 -5.94 0.41
C SER A 184 -7.06 -6.20 -0.73
N VAL A 185 -7.98 -7.15 -0.49
CA VAL A 185 -9.01 -7.57 -1.43
C VAL A 185 -10.38 -7.60 -0.73
N MET A 186 -11.41 -7.22 -1.47
CA MET A 186 -12.78 -7.39 -1.04
C MET A 186 -13.60 -8.01 -2.17
N TYR A 187 -14.64 -8.74 -1.82
CA TYR A 187 -15.50 -9.28 -2.85
C TYR A 187 -16.66 -8.31 -3.05
N SER A 188 -16.92 -7.93 -4.31
CA SER A 188 -18.05 -7.05 -4.63
C SER A 188 -19.21 -7.93 -5.14
N THR A 189 -20.31 -8.00 -4.38
CA THR A 189 -21.49 -8.80 -4.74
C THR A 189 -22.18 -8.18 -5.97
N ARG A 190 -22.30 -6.87 -5.95
CA ARG A 190 -22.91 -6.06 -7.01
C ARG A 190 -22.22 -6.26 -8.34
N LYS A 191 -20.86 -6.24 -8.36
CA LYS A 191 -20.08 -6.41 -9.58
C LYS A 191 -19.65 -7.88 -9.83
N ASN A 192 -19.92 -8.81 -8.88
CA ASN A 192 -19.52 -10.23 -8.97
C ASN A 192 -18.04 -10.40 -9.41
N CYS A 193 -17.16 -9.74 -8.67
CA CYS A 193 -15.72 -9.75 -8.94
C CYS A 193 -14.99 -9.45 -7.64
N ALA A 194 -13.68 -9.66 -7.61
CA ALA A 194 -12.88 -9.32 -6.45
C ALA A 194 -12.23 -8.00 -6.83
N GLN A 195 -12.02 -7.14 -5.88
CA GLN A 195 -11.43 -5.84 -6.11
C GLN A 195 -10.16 -5.81 -5.29
N LEU A 196 -9.02 -5.74 -5.99
CA LEU A 196 -7.70 -5.73 -5.42
C LEU A 196 -7.14 -4.31 -5.40
N TRP A 197 -6.75 -3.84 -4.19
CA TRP A 197 -6.21 -2.51 -4.00
C TRP A 197 -4.75 -2.61 -3.67
N LEU A 198 -3.92 -1.98 -4.50
CA LEU A 198 -2.48 -2.05 -4.26
C LEU A 198 -1.84 -0.68 -4.50
N GLY A 199 -0.81 -0.39 -3.71
CA GLY A 199 -0.12 0.90 -3.76
C GLY A 199 0.21 1.39 -2.36
N PRO A 200 0.85 2.58 -2.22
CA PRO A 200 1.18 3.09 -0.85
C PRO A 200 0.01 3.05 0.16
N ALA A 201 -1.20 3.40 -0.24
CA ALA A 201 -2.39 3.41 0.62
C ALA A 201 -2.87 1.97 1.03
N ALA A 202 -2.33 0.92 0.40
CA ALA A 202 -2.67 -0.46 0.76
C ALA A 202 -1.89 -0.87 2.03
N PHE A 203 -1.02 0.04 2.56
CA PHE A 203 -0.30 -0.19 3.83
C PHE A 203 -1.04 0.44 5.01
N ILE A 204 -2.23 1.04 4.73
CA ILE A 204 -3.05 1.70 5.73
C ILE A 204 -3.80 0.64 6.48
N ASN A 205 -3.77 0.73 7.79
CA ASN A 205 -4.46 -0.24 8.61
C ASN A 205 -5.87 0.22 8.95
N HIS A 206 -6.69 -0.74 9.40
CA HIS A 206 -8.07 -0.46 9.78
C HIS A 206 -8.17 -0.03 11.24
N ASP A 207 -8.97 1.01 11.48
CA ASP A 207 -9.38 1.46 12.81
C ASP A 207 -10.89 1.77 12.78
N CYS A 208 -11.60 1.32 13.83
CA CYS A 208 -13.05 1.50 13.97
C CYS A 208 -13.47 2.98 14.23
N ARG A 209 -12.53 3.88 14.57
CA ARG A 209 -12.76 5.33 14.70
C ARG A 209 -11.57 5.96 13.95
N PRO A 210 -11.55 5.89 12.60
CA PRO A 210 -10.34 6.31 11.90
C PRO A 210 -10.22 7.80 11.71
N ASN A 211 -9.00 8.24 11.43
CA ASN A 211 -8.71 9.65 11.19
C ASN A 211 -8.76 9.99 9.71
N CYS A 212 -8.81 8.98 8.79
CA CYS A 212 -8.93 9.14 7.35
C CYS A 212 -9.99 8.25 6.76
N LYS A 213 -10.35 8.54 5.50
CA LYS A 213 -11.26 7.73 4.69
C LYS A 213 -10.72 7.68 3.29
N PHE A 214 -10.92 6.57 2.62
CA PHE A 214 -10.49 6.47 1.23
C PHE A 214 -11.41 7.31 0.37
N VAL A 215 -10.83 7.99 -0.58
CA VAL A 215 -11.58 8.83 -1.51
C VAL A 215 -11.18 8.53 -2.97
N SER A 216 -12.17 8.38 -3.86
CA SER A 216 -11.89 8.13 -5.27
C SER A 216 -11.24 9.36 -5.95
N THR A 217 -10.17 9.14 -6.73
CA THR A 217 -9.51 10.21 -7.52
C THR A 217 -9.59 9.86 -9.03
N GLY A 218 -10.36 8.85 -9.36
CA GLY A 218 -10.50 8.37 -10.72
C GLY A 218 -11.14 7.01 -10.75
N ARG A 219 -11.29 6.44 -11.95
CA ARG A 219 -11.91 5.13 -12.14
C ARG A 219 -11.07 3.99 -11.55
N ASP A 220 -9.75 4.13 -11.66
CA ASP A 220 -8.79 3.11 -11.23
C ASP A 220 -7.91 3.53 -10.02
N THR A 221 -8.13 4.73 -9.45
CA THR A 221 -7.30 5.26 -8.37
C THR A 221 -8.11 5.91 -7.25
N ALA A 222 -7.44 6.07 -6.11
CA ALA A 222 -7.95 6.66 -4.90
C ALA A 222 -6.78 7.10 -4.01
N CYS A 223 -7.06 8.03 -3.13
CA CYS A 223 -6.13 8.47 -2.10
C CYS A 223 -6.93 8.55 -0.79
N VAL A 224 -6.36 9.15 0.26
CA VAL A 224 -7.11 9.33 1.49
C VAL A 224 -7.39 10.80 1.76
N LYS A 225 -8.38 11.03 2.61
CA LYS A 225 -8.79 12.36 3.10
C LYS A 225 -8.86 12.29 4.64
N ALA A 226 -8.38 13.33 5.34
CA ALA A 226 -8.42 13.45 6.79
C ALA A 226 -9.85 13.74 7.31
N LEU A 227 -10.32 12.92 8.25
CA LEU A 227 -11.66 13.02 8.85
C LEU A 227 -11.59 13.94 10.05
N ARG A 228 -10.37 14.09 10.61
CA ARG A 228 -10.07 14.93 11.76
C ARG A 228 -8.62 15.37 11.68
N ASP A 229 -8.24 16.33 12.52
CA ASP A 229 -6.87 16.81 12.59
C ASP A 229 -5.94 15.66 12.99
N ILE A 230 -4.76 15.60 12.36
CA ILE A 230 -3.78 14.54 12.61
C ILE A 230 -2.44 15.18 12.97
N GLU A 231 -1.83 14.75 14.07
CA GLU A 231 -0.55 15.31 14.44
C GLU A 231 0.61 14.44 13.96
N PRO A 232 1.81 15.03 13.70
CA PRO A 232 2.99 14.20 13.34
C PRO A 232 3.18 13.03 14.33
N GLY A 233 3.52 11.86 13.81
CA GLY A 233 3.73 10.67 14.63
C GLY A 233 2.49 9.80 14.78
N GLU A 234 1.32 10.34 14.42
CA GLU A 234 0.05 9.59 14.49
C GLU A 234 -0.07 8.63 13.31
N GLU A 235 -0.50 7.40 13.56
CA GLU A 235 -0.74 6.41 12.51
C GLU A 235 -1.98 6.88 11.67
N ILE A 236 -1.89 6.75 10.35
CA ILE A 236 -2.98 7.08 9.41
C ILE A 236 -3.86 5.84 9.35
N SER A 237 -5.14 5.98 9.67
CA SER A 237 -6.06 4.81 9.61
C SER A 237 -7.33 5.06 8.78
N CYS A 238 -7.92 3.98 8.26
CA CYS A 238 -9.20 4.02 7.55
C CYS A 238 -10.13 2.93 8.10
N TYR A 239 -11.43 3.13 7.92
CA TYR A 239 -12.45 2.13 8.22
C TYR A 239 -12.63 1.34 6.90
N TYR A 240 -12.32 0.04 6.92
CA TYR A 240 -12.46 -0.80 5.72
C TYR A 240 -13.91 -1.09 5.41
N GLY A 241 -14.72 -1.10 6.45
CA GLY A 241 -16.14 -1.43 6.36
C GLY A 241 -16.44 -2.49 7.39
N ASP A 242 -17.70 -2.90 7.47
CA ASP A 242 -18.07 -3.96 8.40
C ASP A 242 -17.72 -5.29 7.76
N GLY A 243 -17.51 -6.30 8.61
CA GLY A 243 -17.27 -7.68 8.20
C GLY A 243 -15.91 -8.00 7.62
N PHE A 244 -14.88 -7.16 7.86
CA PHE A 244 -13.57 -7.52 7.34
C PHE A 244 -12.81 -8.47 8.25
N PHE A 245 -13.03 -8.35 9.58
CA PHE A 245 -12.34 -9.15 10.61
C PHE A 245 -13.39 -9.93 11.38
N GLY A 246 -14.02 -10.87 10.69
CA GLY A 246 -15.13 -11.65 11.23
C GLY A 246 -16.43 -10.92 11.02
N GLU A 247 -17.56 -11.59 11.25
CA GLU A 247 -18.89 -10.95 11.11
C GLU A 247 -19.00 -9.85 12.15
N ASN A 248 -19.43 -8.66 11.71
CA ASN A 248 -19.51 -7.45 12.56
C ASN A 248 -18.13 -7.05 13.17
N ASN A 249 -17.01 -7.39 12.46
CA ASN A 249 -15.63 -7.08 12.86
C ASN A 249 -15.29 -7.62 14.26
N GLU A 250 -15.86 -8.79 14.62
CA GLU A 250 -15.69 -9.40 15.94
C GLU A 250 -14.25 -9.78 16.29
N PHE A 251 -13.36 -9.85 15.30
CA PHE A 251 -11.97 -10.18 15.54
C PHE A 251 -11.09 -8.99 15.20
N CYS A 252 -11.65 -7.76 15.23
CA CYS A 252 -10.86 -6.56 14.97
C CYS A 252 -9.82 -6.35 16.07
N GLU A 253 -8.60 -5.99 15.69
CA GLU A 253 -7.56 -5.72 16.68
C GLU A 253 -7.12 -4.27 16.60
N CYS A 254 -8.00 -3.34 16.17
CA CYS A 254 -7.59 -1.92 16.08
C CYS A 254 -7.36 -1.30 17.45
N TYR A 255 -6.69 -0.12 17.52
CA TYR A 255 -6.42 0.55 18.80
C TYR A 255 -7.69 0.93 19.48
N THR A 256 -8.67 1.40 18.73
CA THR A 256 -9.98 1.74 19.28
C THR A 256 -10.67 0.50 19.93
N CYS A 257 -10.65 -0.68 19.28
CA CYS A 257 -11.31 -1.85 19.86
C CYS A 257 -10.63 -2.24 21.19
N GLU A 258 -9.30 -1.96 21.32
CA GLU A 258 -8.52 -2.23 22.53
C GLU A 258 -8.94 -1.30 23.65
N ARG A 259 -9.04 -0.01 23.35
CA ARG A 259 -9.50 0.99 24.30
C ARG A 259 -10.98 0.80 24.68
N ARG A 260 -11.82 0.35 23.76
CA ARG A 260 -13.25 0.17 24.02
C ARG A 260 -13.65 -1.23 24.54
N GLY A 261 -12.78 -2.22 24.36
CA GLY A 261 -13.08 -3.59 24.77
C GLY A 261 -14.07 -4.26 23.84
N THR A 262 -13.96 -3.98 22.55
CA THR A 262 -14.83 -4.54 21.49
C THR A 262 -13.89 -5.29 20.56
N GLY A 263 -14.41 -5.96 19.52
CA GLY A 263 -13.62 -6.74 18.57
C GLY A 263 -12.89 -7.86 19.25
N ALA A 264 -11.64 -8.16 18.87
CA ALA A 264 -10.85 -9.21 19.54
C ALA A 264 -10.73 -8.95 21.05
N PHE A 265 -10.92 -7.69 21.47
CA PHE A 265 -10.81 -7.28 22.86
C PHE A 265 -12.14 -7.33 23.63
N LYS A 266 -13.18 -7.99 23.08
CA LYS A 266 -14.48 -8.09 23.76
C LYS A 266 -14.48 -9.12 24.92
N SER A 267 -15.36 -8.86 25.91
CA SER A 267 -15.72 -9.54 27.17
C SER A 267 -14.69 -10.47 27.76
ZN ZN B . -11.80 -2.21 15.70
N SAM C . -0.48 -3.83 7.83
CA SAM C . -0.79 -4.34 6.47
C SAM C . 0.42 -4.83 5.68
O SAM C . 1.58 -4.57 6.14
OXT SAM C . 0.13 -5.51 4.66
CB SAM C . -1.39 -3.20 5.66
CG SAM C . -2.91 -3.18 5.68
SD SAM C . -3.56 -4.53 4.67
CE SAM C . -4.76 -3.57 3.70
C5' SAM C . -4.73 -5.20 5.90
C4' SAM C . -4.05 -6.26 6.75
O4' SAM C . -3.43 -5.67 7.90
C3' SAM C . -4.97 -7.33 7.28
O3' SAM C . -4.95 -8.49 6.45
C2' SAM C . -4.37 -7.66 8.63
O2' SAM C . -3.17 -8.44 8.49
C1' SAM C . -3.89 -6.31 9.08
N9 SAM C . -4.85 -5.47 9.79
C8 SAM C . -4.95 -4.12 9.59
N7 SAM C . -5.81 -3.56 10.42
C5 SAM C . -6.28 -4.59 11.19
C6 SAM C . -7.17 -4.59 12.24
N6 SAM C . -7.75 -3.42 12.69
N1 SAM C . -7.46 -5.77 12.80
C2 SAM C . -6.83 -6.87 12.34
N3 SAM C . -5.94 -6.99 11.34
C4 SAM C . -5.70 -5.79 10.80
C5 539 D . -7.87 0.54 -0.52
C6 539 D . -9.25 0.77 -0.48
C7 539 D . -9.78 1.91 -1.04
C8 539 D . -11.16 2.02 -1.03
C10 539 D . -11.54 3.79 -2.77
N12 539 D . -13.56 5.12 -2.79
C13 539 D . -13.92 4.43 -1.70
C17 539 D . -10.14 -0.14 0.05
C20 539 D . -10.27 -3.60 0.32
C21 539 D . -9.35 -4.38 1.20
C22 539 D . -9.30 -3.70 2.54
C24 539 D . -8.92 2.86 -1.57
C14 539 D . -13.18 3.43 -1.11
C11 539 D . -12.36 4.77 -3.29
C9 539 D . -11.95 3.08 -1.64
C2 539 D . -7.55 2.68 -1.56
C3 539 D . -7.04 1.50 -1.05
C23 539 D . -10.25 -2.53 2.48
C19 539 D . -10.58 -2.29 1.02
N15 539 D . -11.95 1.11 -0.45
N16 539 D . -11.47 0.06 0.07
N18 539 D . -9.60 -1.33 0.57
CL1 539 D . -6.53 3.95 -2.18
CL4 539 D . -5.34 1.23 -1.08
#